data_1U2T
#
_entry.id   1U2T
#
_cell.length_a   68.86
_cell.length_b   68.86
_cell.length_c   268.83
_cell.angle_alpha   90
_cell.angle_beta   90
_cell.angle_gamma   120
#
_symmetry.space_group_name_H-M   'P 65 2 2'
#
loop_
_entity.id
_entity.type
_entity.pdbx_description
1 polymer 'sucrose-phosphatase (SPP)'
2 branched 6-O-phosphono-beta-D-fructofuranose-(2-1)-alpha-D-glucopyranose
3 water water
#
_entity_poly.entity_id   1
_entity_poly.type   'polypeptide(L)'
_entity_poly.pdbx_seq_one_letter_code
;MRQLLLISDLDNTWVGDQQALEHLQEYLGDRRGNFYLAYATGRSYHSARELQKQVGLMEPDYWLTAVGSEIYHPEGLDQH
WADYLSEHWQRDILQAIADGFEALKPQSPLEQNPWKISYHLDPQACPTVIDQLTEMLKETGIPVQVIFSSGKDVDLLPQR
SNKGNATQYLQQHLAMEPSQTLVCGDSGNDIGLFETSARGVIVRNAQPELLHWYDQWGDSRHYRAQSSHAGAILEAIAHF
DFLS
;
_entity_poly.pdbx_strand_id   A
#
loop_
_chem_comp.id
_chem_comp.type
_chem_comp.name
_chem_comp.formula
F6P D-saccharide, beta linking 6-O-phosphono-beta-D-fructofuranose 'C6 H13 O9 P'
GLC D-saccharide, alpha linking alpha-D-glucopyranose 'C6 H12 O6'
#
# COMPACT_ATOMS: atom_id res chain seq x y z
N MET A 1 -12.56 -8.56 16.49
CA MET A 1 -12.55 -9.57 17.58
C MET A 1 -11.63 -10.74 17.26
N ARG A 2 -10.78 -10.57 16.24
CA ARG A 2 -9.86 -11.63 15.85
C ARG A 2 -8.46 -11.31 16.36
N GLN A 3 -7.63 -12.34 16.47
CA GLN A 3 -6.27 -12.17 16.99
C GLN A 3 -5.24 -11.54 16.06
N LEU A 4 -5.58 -11.36 14.78
CA LEU A 4 -4.65 -10.77 13.84
C LEU A 4 -5.32 -10.00 12.71
N LEU A 5 -4.74 -8.85 12.37
CA LEU A 5 -5.20 -8.03 11.27
C LEU A 5 -4.03 -8.07 10.29
N LEU A 6 -4.12 -8.94 9.29
CA LEU A 6 -3.05 -9.11 8.31
C LEU A 6 -3.22 -8.18 7.10
N ILE A 7 -2.32 -7.22 6.95
CA ILE A 7 -2.40 -6.29 5.83
C ILE A 7 -1.17 -6.47 4.92
N SER A 8 -1.40 -7.02 3.73
CA SER A 8 -0.30 -7.25 2.81
C SER A 8 -0.40 -6.58 1.47
N ASP A 9 0.77 -6.32 0.90
CA ASP A 9 0.91 -5.71 -0.41
C ASP A 9 0.83 -6.90 -1.36
N LEU A 10 0.48 -6.65 -2.61
CA LEU A 10 0.38 -7.76 -3.54
C LEU A 10 1.66 -7.99 -4.35
N ASP A 11 1.86 -7.17 -5.37
CA ASP A 11 3.03 -7.27 -6.24
C ASP A 11 4.36 -7.39 -5.49
N ASN A 12 5.09 -8.48 -5.73
CA ASN A 12 6.38 -8.75 -5.12
C ASN A 12 6.36 -9.02 -3.62
N THR A 13 5.16 -9.00 -3.03
CA THR A 13 5.03 -9.26 -1.60
C THR A 13 4.21 -10.52 -1.43
N TRP A 14 2.91 -10.43 -1.67
CA TRP A 14 2.06 -11.60 -1.55
C TRP A 14 2.25 -12.43 -2.82
N VAL A 15 2.33 -11.74 -3.95
CA VAL A 15 2.50 -12.37 -5.25
C VAL A 15 3.96 -12.23 -5.69
N GLY A 16 4.39 -13.10 -6.59
CA GLY A 16 5.76 -13.05 -7.08
C GLY A 16 6.44 -14.40 -7.01
N ASP A 17 6.11 -15.16 -5.98
CA ASP A 17 6.65 -16.49 -5.77
C ASP A 17 5.40 -17.34 -5.57
N GLN A 18 5.09 -18.20 -6.54
CA GLN A 18 3.88 -19.00 -6.44
C GLN A 18 3.92 -20.05 -5.33
N GLN A 19 5.02 -20.80 -5.25
CA GLN A 19 5.14 -21.84 -4.22
C GLN A 19 4.85 -21.25 -2.85
N ALA A 20 5.41 -20.06 -2.60
CA ALA A 20 5.25 -19.40 -1.32
C ALA A 20 3.85 -18.85 -1.12
N LEU A 21 3.28 -18.27 -2.17
CA LEU A 21 1.93 -17.75 -2.07
C LEU A 21 1.02 -18.90 -1.70
N GLU A 22 1.34 -20.08 -2.24
CA GLU A 22 0.54 -21.26 -1.98
C GLU A 22 0.68 -21.83 -0.59
N HIS A 23 1.89 -21.94 -0.06
CA HIS A 23 2.01 -22.48 1.29
C HIS A 23 1.64 -21.44 2.33
N LEU A 24 1.60 -20.18 1.94
CA LEU A 24 1.19 -19.11 2.85
C LEU A 24 -0.33 -19.20 2.98
N GLN A 25 -1.00 -19.31 1.83
CA GLN A 25 -2.45 -19.40 1.80
C GLN A 25 -2.95 -20.73 2.36
N GLU A 26 -2.13 -21.76 2.25
CA GLU A 26 -2.49 -23.08 2.76
C GLU A 26 -2.49 -23.03 4.28
N TYR A 27 -1.45 -22.44 4.84
CA TYR A 27 -1.32 -22.30 6.28
C TYR A 27 -2.45 -21.46 6.87
N LEU A 28 -2.67 -20.29 6.25
CA LEU A 28 -3.70 -19.37 6.70
C LEU A 28 -5.10 -19.91 6.49
N GLY A 29 -5.23 -20.95 5.68
CA GLY A 29 -6.53 -21.53 5.43
C GLY A 29 -7.03 -22.41 6.56
N ASP A 30 -6.11 -22.89 7.41
CA ASP A 30 -6.50 -23.75 8.52
C ASP A 30 -6.89 -22.98 9.77
N ARG A 31 -6.81 -21.64 9.70
CA ARG A 31 -7.17 -20.79 10.82
C ARG A 31 -7.73 -19.49 10.25
N ARG A 32 -8.55 -19.64 9.21
CA ARG A 32 -9.13 -18.49 8.53
C ARG A 32 -9.90 -17.53 9.40
N GLY A 33 -10.54 -18.04 10.45
CA GLY A 33 -11.31 -17.18 11.33
C GLY A 33 -10.52 -16.43 12.38
N ASN A 34 -9.22 -16.71 12.49
CA ASN A 34 -8.39 -16.04 13.49
C ASN A 34 -7.81 -14.70 13.07
N PHE A 35 -7.95 -14.33 11.80
CA PHE A 35 -7.42 -13.07 11.35
C PHE A 35 -8.31 -12.41 10.33
N TYR A 36 -8.12 -11.10 10.15
CA TYR A 36 -8.85 -10.34 9.15
C TYR A 36 -7.76 -10.12 8.12
N LEU A 37 -8.10 -10.23 6.85
CA LEU A 37 -7.12 -10.04 5.79
C LEU A 37 -7.46 -8.85 4.91
N ALA A 38 -6.45 -8.05 4.59
CA ALA A 38 -6.65 -6.88 3.75
C ALA A 38 -5.48 -6.75 2.78
N TYR A 39 -5.81 -6.56 1.51
CA TYR A 39 -4.81 -6.39 0.48
C TYR A 39 -4.66 -4.88 0.26
N ALA A 40 -3.44 -4.38 0.37
CA ALA A 40 -3.18 -2.96 0.16
C ALA A 40 -2.34 -2.87 -1.11
N THR A 41 -2.97 -2.46 -2.20
CA THR A 41 -2.29 -2.39 -3.47
C THR A 41 -2.47 -1.04 -4.18
N GLY A 42 -1.61 -0.77 -5.15
CA GLY A 42 -1.70 0.47 -5.89
C GLY A 42 -2.64 0.28 -7.07
N ARG A 43 -3.07 -0.95 -7.28
CA ARG A 43 -3.96 -1.31 -8.38
C ARG A 43 -5.40 -0.94 -8.10
N SER A 44 -6.16 -0.72 -9.17
CA SER A 44 -7.56 -0.39 -9.04
C SER A 44 -8.21 -1.67 -8.54
N TYR A 45 -9.43 -1.56 -8.04
CA TYR A 45 -10.13 -2.73 -7.55
C TYR A 45 -10.32 -3.76 -8.67
N HIS A 46 -10.61 -3.28 -9.89
CA HIS A 46 -10.81 -4.17 -11.03
C HIS A 46 -9.53 -4.93 -11.35
N SER A 47 -8.44 -4.18 -11.47
CA SER A 47 -7.14 -4.74 -11.78
C SER A 47 -6.70 -5.70 -10.67
N ALA A 48 -7.24 -5.50 -9.47
CA ALA A 48 -6.91 -6.35 -8.33
C ALA A 48 -7.63 -7.70 -8.42
N ARG A 49 -8.93 -7.68 -8.72
CA ARG A 49 -9.69 -8.91 -8.82
C ARG A 49 -9.08 -9.76 -9.93
N GLU A 50 -8.54 -9.10 -10.95
CA GLU A 50 -7.90 -9.80 -12.06
C GLU A 50 -6.72 -10.61 -11.55
N LEU A 51 -5.85 -9.94 -10.79
CA LEU A 51 -4.67 -10.59 -10.21
C LEU A 51 -5.11 -11.83 -9.44
N GLN A 52 -6.12 -11.64 -8.60
CA GLN A 52 -6.66 -12.73 -7.78
C GLN A 52 -7.02 -13.94 -8.63
N LYS A 53 -7.47 -13.70 -9.85
CA LYS A 53 -7.85 -14.79 -10.74
C LYS A 53 -6.59 -15.45 -11.33
N GLN A 54 -5.62 -14.64 -11.74
CA GLN A 54 -4.39 -15.17 -12.30
C GLN A 54 -3.54 -15.99 -11.34
N VAL A 55 -3.25 -15.43 -10.16
CA VAL A 55 -2.44 -16.12 -9.18
C VAL A 55 -3.23 -16.87 -8.12
N GLY A 56 -4.55 -16.74 -8.17
CA GLY A 56 -5.40 -17.42 -7.22
C GLY A 56 -5.29 -16.92 -5.79
N LEU A 57 -5.48 -15.61 -5.61
CA LEU A 57 -5.40 -15.01 -4.29
C LEU A 57 -6.58 -15.49 -3.47
N MET A 58 -6.44 -15.49 -2.15
CA MET A 58 -7.54 -15.91 -1.32
C MET A 58 -8.39 -14.69 -1.00
N GLU A 59 -9.70 -14.87 -0.95
CA GLU A 59 -10.62 -13.76 -0.68
C GLU A 59 -10.35 -13.02 0.63
N PRO A 60 -9.98 -11.72 0.52
CA PRO A 60 -9.71 -10.91 1.71
C PRO A 60 -10.98 -10.31 2.30
N ASP A 61 -10.89 -9.87 3.55
CA ASP A 61 -12.02 -9.26 4.22
C ASP A 61 -12.20 -7.85 3.69
N TYR A 62 -11.09 -7.22 3.30
CA TYR A 62 -11.11 -5.86 2.77
C TYR A 62 -10.08 -5.66 1.67
N TRP A 63 -10.35 -4.70 0.81
CA TRP A 63 -9.45 -4.36 -0.29
C TRP A 63 -9.09 -2.89 -0.21
N LEU A 64 -7.84 -2.60 0.17
CA LEU A 64 -7.39 -1.22 0.23
C LEU A 64 -6.68 -0.99 -1.10
N THR A 65 -7.45 -0.56 -2.11
CA THR A 65 -6.92 -0.38 -3.45
C THR A 65 -6.50 1.02 -3.87
N ALA A 66 -5.81 1.08 -5.01
CA ALA A 66 -5.31 2.33 -5.58
C ALA A 66 -4.52 3.11 -4.54
N VAL A 67 -3.63 2.39 -3.84
CA VAL A 67 -2.80 2.96 -2.80
C VAL A 67 -3.66 3.45 -1.63
N GLY A 68 -4.75 2.73 -1.37
CA GLY A 68 -5.62 3.12 -0.28
C GLY A 68 -6.57 4.27 -0.58
N SER A 69 -6.63 4.70 -1.84
CA SER A 69 -7.52 5.80 -2.21
C SER A 69 -8.95 5.31 -2.19
N GLU A 70 -9.12 3.99 -2.31
CA GLU A 70 -10.43 3.37 -2.26
C GLU A 70 -10.38 2.17 -1.35
N ILE A 71 -11.42 2.00 -0.53
CA ILE A 71 -11.49 0.87 0.38
C ILE A 71 -12.77 0.11 0.09
N TYR A 72 -12.65 -1.17 -0.21
CA TYR A 72 -13.82 -1.99 -0.50
C TYR A 72 -14.17 -2.96 0.62
N HIS A 73 -15.38 -2.81 1.14
CA HIS A 73 -15.89 -3.68 2.19
C HIS A 73 -16.54 -4.87 1.49
N PRO A 74 -16.90 -5.92 2.27
CA PRO A 74 -17.53 -7.07 1.64
C PRO A 74 -18.78 -6.58 0.90
N GLU A 75 -19.50 -5.66 1.55
CA GLU A 75 -20.71 -5.05 1.00
C GLU A 75 -20.39 -4.16 -0.20
N GLY A 76 -19.21 -3.55 -0.20
CA GLY A 76 -18.82 -2.70 -1.31
C GLY A 76 -17.99 -1.48 -0.92
N LEU A 77 -17.82 -0.56 -1.86
CA LEU A 77 -17.04 0.64 -1.64
C LEU A 77 -17.45 1.37 -0.36
N ASP A 78 -16.47 2.02 0.26
CA ASP A 78 -16.71 2.76 1.49
C ASP A 78 -16.95 4.22 1.11
N GLN A 79 -18.17 4.70 1.35
CA GLN A 79 -18.52 6.07 1.00
C GLN A 79 -18.08 7.10 2.04
N HIS A 80 -17.84 6.65 3.27
CA HIS A 80 -17.38 7.57 4.30
C HIS A 80 -15.91 7.87 4.03
N TRP A 81 -15.19 6.83 3.63
CA TRP A 81 -13.77 6.98 3.32
C TRP A 81 -13.63 7.89 2.10
N ALA A 82 -14.54 7.74 1.14
CA ALA A 82 -14.50 8.56 -0.07
C ALA A 82 -14.71 10.03 0.31
N ASP A 83 -15.78 10.30 1.04
CA ASP A 83 -16.08 11.66 1.47
C ASP A 83 -14.94 12.22 2.29
N TYR A 84 -14.34 11.36 3.11
CA TYR A 84 -13.23 11.75 3.97
C TYR A 84 -12.06 12.25 3.13
N LEU A 85 -11.75 11.50 2.07
CA LEU A 85 -10.66 11.86 1.18
C LEU A 85 -11.01 13.01 0.23
N SER A 86 -12.29 13.17 -0.08
CA SER A 86 -12.74 14.22 -0.98
C SER A 86 -12.71 15.60 -0.34
N GLU A 87 -12.64 15.65 0.98
CA GLU A 87 -12.64 16.92 1.68
C GLU A 87 -11.37 17.74 1.55
N HIS A 88 -11.48 18.90 0.89
CA HIS A 88 -10.36 19.81 0.68
C HIS A 88 -9.48 19.44 -0.51
N TRP A 89 -9.73 18.28 -1.11
CA TRP A 89 -8.96 17.80 -2.25
C TRP A 89 -9.32 18.59 -3.52
N GLN A 90 -8.29 18.95 -4.27
CA GLN A 90 -8.45 19.70 -5.51
C GLN A 90 -7.68 18.95 -6.59
N ARG A 91 -8.31 17.96 -7.20
CA ARG A 91 -7.63 17.17 -8.19
C ARG A 91 -7.20 18.02 -9.39
N ASP A 92 -8.14 18.77 -9.97
CA ASP A 92 -7.84 19.60 -11.13
C ASP A 92 -6.58 20.44 -11.03
N ILE A 93 -6.47 21.22 -9.95
CA ILE A 93 -5.31 22.06 -9.76
C ILE A 93 -4.04 21.24 -9.67
N LEU A 94 -4.00 20.27 -8.76
CA LEU A 94 -2.82 19.43 -8.59
C LEU A 94 -2.33 18.86 -9.91
N GLN A 95 -3.26 18.34 -10.71
CA GLN A 95 -2.93 17.74 -12.00
C GLN A 95 -2.33 18.77 -12.96
N ALA A 96 -2.94 19.95 -13.01
CA ALA A 96 -2.47 21.02 -13.88
C ALA A 96 -0.99 21.24 -13.59
N ILE A 97 -0.64 21.25 -12.31
CA ILE A 97 0.74 21.44 -11.88
C ILE A 97 1.61 20.25 -12.28
N ALA A 98 1.15 19.06 -11.95
CA ALA A 98 1.89 17.84 -12.26
C ALA A 98 2.12 17.68 -13.76
N ASP A 99 1.11 18.01 -14.57
CA ASP A 99 1.25 17.88 -16.02
C ASP A 99 2.34 18.82 -16.53
N GLY A 100 2.48 19.98 -15.90
CA GLY A 100 3.48 20.95 -16.31
C GLY A 100 4.90 20.43 -16.28
N PHE A 101 5.09 19.23 -15.72
CA PHE A 101 6.41 18.62 -15.64
C PHE A 101 6.71 17.76 -16.85
N GLU A 102 7.79 18.07 -17.53
CA GLU A 102 8.19 17.34 -18.71
C GLU A 102 8.61 15.91 -18.36
N ALA A 103 9.32 15.76 -17.25
CA ALA A 103 9.80 14.45 -16.80
C ALA A 103 8.69 13.49 -16.41
N LEU A 104 7.45 13.99 -16.40
CA LEU A 104 6.31 13.17 -16.02
C LEU A 104 5.35 12.91 -17.17
N LYS A 105 4.95 11.64 -17.31
CA LYS A 105 3.99 11.25 -18.33
C LYS A 105 2.79 10.65 -17.61
N PRO A 106 1.57 11.09 -17.95
CA PRO A 106 0.38 10.55 -17.29
C PRO A 106 0.26 9.05 -17.51
N GLN A 107 -0.18 8.33 -16.48
CA GLN A 107 -0.37 6.89 -16.60
C GLN A 107 -1.72 6.74 -17.29
N SER A 108 -1.97 5.57 -17.87
CA SER A 108 -3.24 5.34 -18.55
C SER A 108 -4.42 5.81 -17.69
N PRO A 109 -5.50 6.25 -18.33
CA PRO A 109 -6.66 6.73 -17.57
C PRO A 109 -7.15 5.71 -16.54
N LEU A 110 -7.16 4.44 -16.93
CA LEU A 110 -7.61 3.38 -16.03
C LEU A 110 -6.81 3.28 -14.74
N GLU A 111 -5.80 4.13 -14.58
CA GLU A 111 -4.97 4.14 -13.38
C GLU A 111 -5.30 5.35 -12.52
N GLN A 112 -6.25 6.15 -12.98
CA GLN A 112 -6.63 7.35 -12.26
C GLN A 112 -8.01 7.21 -11.64
N ASN A 113 -8.30 8.08 -10.68
CA ASN A 113 -9.60 8.12 -10.04
C ASN A 113 -9.70 9.47 -9.30
N PRO A 114 -10.88 9.81 -8.77
CA PRO A 114 -11.10 11.08 -8.07
C PRO A 114 -10.04 11.50 -7.05
N TRP A 115 -9.34 10.53 -6.47
CA TRP A 115 -8.33 10.78 -5.46
C TRP A 115 -6.98 10.17 -5.78
N LYS A 116 -6.72 9.93 -7.06
CA LYS A 116 -5.44 9.36 -7.45
C LYS A 116 -5.02 9.81 -8.84
N ILE A 117 -4.02 10.68 -8.88
CA ILE A 117 -3.47 11.20 -10.11
C ILE A 117 -2.10 10.55 -10.23
N SER A 118 -1.90 9.71 -11.23
CA SER A 118 -0.62 9.02 -11.37
C SER A 118 0.12 9.25 -12.66
N TYR A 119 1.45 9.23 -12.56
CA TYR A 119 2.31 9.43 -13.72
C TYR A 119 3.46 8.45 -13.70
N HIS A 120 4.28 8.52 -14.74
CA HIS A 120 5.45 7.69 -14.88
C HIS A 120 6.63 8.64 -15.04
N LEU A 121 7.69 8.38 -14.30
CA LEU A 121 8.88 9.22 -14.37
C LEU A 121 9.79 8.75 -15.51
N ASP A 122 10.33 9.70 -16.26
CA ASP A 122 11.23 9.38 -17.37
C ASP A 122 12.45 8.64 -16.84
N PRO A 123 12.78 7.49 -17.43
CA PRO A 123 13.92 6.67 -17.04
C PRO A 123 15.24 7.45 -17.06
N GLN A 124 15.30 8.46 -17.92
CA GLN A 124 16.48 9.30 -18.07
C GLN A 124 16.41 10.58 -17.26
N ALA A 125 15.28 10.80 -16.60
CA ALA A 125 15.11 12.00 -15.80
C ALA A 125 15.88 11.93 -14.49
N CYS A 126 16.00 13.09 -13.82
CA CYS A 126 16.70 13.17 -12.55
C CYS A 126 15.68 13.07 -11.43
N PRO A 127 15.73 11.98 -10.65
CA PRO A 127 14.82 11.73 -9.53
C PRO A 127 14.54 12.93 -8.61
N THR A 128 15.46 13.89 -8.55
CA THR A 128 15.25 15.06 -7.68
C THR A 128 14.05 15.89 -8.13
N VAL A 129 13.64 15.73 -9.39
CA VAL A 129 12.50 16.48 -9.91
C VAL A 129 11.24 16.11 -9.12
N ILE A 130 11.26 14.94 -8.50
CA ILE A 130 10.14 14.48 -7.70
C ILE A 130 10.05 15.37 -6.47
N ASP A 131 11.21 15.66 -5.91
CA ASP A 131 11.27 16.51 -4.73
C ASP A 131 10.80 17.91 -5.09
N GLN A 132 11.07 18.34 -6.33
CA GLN A 132 10.65 19.66 -6.79
C GLN A 132 9.14 19.64 -6.96
N LEU A 133 8.65 18.53 -7.51
CA LEU A 133 7.22 18.35 -7.71
C LEU A 133 6.52 18.36 -6.36
N THR A 134 6.99 17.52 -5.45
CA THR A 134 6.42 17.44 -4.11
C THR A 134 6.26 18.82 -3.50
N GLU A 135 7.34 19.58 -3.48
CA GLU A 135 7.34 20.92 -2.91
C GLU A 135 6.39 21.87 -3.62
N MET A 136 6.40 21.83 -4.95
CA MET A 136 5.54 22.69 -5.72
C MET A 136 4.07 22.42 -5.43
N LEU A 137 3.75 21.15 -5.19
CA LEU A 137 2.37 20.76 -4.88
C LEU A 137 2.02 21.16 -3.45
N LYS A 138 2.91 20.81 -2.52
CA LYS A 138 2.71 21.12 -1.11
C LYS A 138 2.37 22.59 -0.91
N GLU A 139 3.16 23.48 -1.49
CA GLU A 139 2.94 24.92 -1.34
C GLU A 139 1.64 25.49 -1.90
N THR A 140 0.75 24.63 -2.41
CA THR A 140 -0.52 25.11 -2.93
C THR A 140 -1.50 25.22 -1.77
N GLY A 141 -1.16 24.56 -0.66
CA GLY A 141 -2.02 24.57 0.50
C GLY A 141 -3.00 23.41 0.47
N ILE A 142 -3.08 22.74 -0.67
CA ILE A 142 -3.97 21.59 -0.82
C ILE A 142 -3.30 20.40 -0.16
N PRO A 143 -4.01 19.73 0.76
CA PRO A 143 -3.45 18.56 1.44
C PRO A 143 -3.15 17.43 0.46
N VAL A 144 -1.96 17.50 -0.16
CA VAL A 144 -1.53 16.51 -1.13
C VAL A 144 -0.35 15.72 -0.61
N GLN A 145 -0.18 14.53 -1.16
CA GLN A 145 0.87 13.61 -0.76
C GLN A 145 1.46 12.97 -2.01
N VAL A 146 2.78 13.06 -2.19
CA VAL A 146 3.38 12.45 -3.37
C VAL A 146 3.98 11.08 -3.03
N ILE A 147 3.64 10.08 -3.83
CA ILE A 147 4.16 8.74 -3.61
C ILE A 147 5.00 8.28 -4.80
N PHE A 148 6.25 7.93 -4.49
CA PHE A 148 7.22 7.50 -5.50
C PHE A 148 7.69 6.08 -5.20
N SER A 149 7.45 5.17 -6.13
CA SER A 149 7.87 3.78 -5.93
C SER A 149 8.48 3.20 -7.20
N SER A 150 9.33 2.20 -7.03
CA SER A 150 9.97 1.52 -8.16
C SER A 150 10.77 2.45 -9.07
N GLY A 151 11.09 3.63 -8.57
CA GLY A 151 11.85 4.58 -9.36
C GLY A 151 11.15 5.09 -10.60
N LYS A 152 9.85 4.84 -10.75
CA LYS A 152 9.14 5.33 -11.93
C LYS A 152 7.68 5.71 -11.70
N ASP A 153 7.03 5.06 -10.74
CA ASP A 153 5.62 5.35 -10.46
C ASP A 153 5.42 6.49 -9.49
N VAL A 154 4.71 7.51 -9.94
CA VAL A 154 4.42 8.71 -9.15
C VAL A 154 2.92 8.86 -8.88
N ASP A 155 2.53 8.86 -7.61
CA ASP A 155 1.12 8.99 -7.26
C ASP A 155 0.83 10.20 -6.39
N LEU A 156 -0.14 11.01 -6.82
CA LEU A 156 -0.55 12.20 -6.08
C LEU A 156 -1.87 11.89 -5.38
N LEU A 157 -1.82 11.71 -4.05
CA LEU A 157 -3.02 11.41 -3.28
C LEU A 157 -3.29 12.43 -2.19
N PRO A 158 -4.49 12.40 -1.60
CA PRO A 158 -4.80 13.35 -0.53
C PRO A 158 -3.90 12.97 0.65
N GLN A 159 -3.61 13.92 1.54
CA GLN A 159 -2.77 13.63 2.69
C GLN A 159 -3.41 12.50 3.51
N ARG A 160 -4.73 12.49 3.57
CA ARG A 160 -5.47 11.51 4.35
C ARG A 160 -5.55 10.11 3.74
N SER A 161 -4.99 9.94 2.55
CA SER A 161 -5.01 8.62 1.93
C SER A 161 -3.66 7.92 2.09
N ASN A 162 -3.41 6.92 1.24
CA ASN A 162 -2.18 6.11 1.24
C ASN A 162 -2.36 4.86 2.12
N LYS A 163 -1.71 3.77 1.74
CA LYS A 163 -1.80 2.50 2.45
C LYS A 163 -1.80 2.55 3.98
N GLY A 164 -0.94 3.38 4.55
CA GLY A 164 -0.87 3.48 5.99
C GLY A 164 -2.13 4.03 6.62
N ASN A 165 -2.60 5.17 6.15
CA ASN A 165 -3.81 5.76 6.71
C ASN A 165 -5.01 4.85 6.47
N ALA A 166 -5.05 4.21 5.30
CA ALA A 166 -6.13 3.29 4.98
C ALA A 166 -6.13 2.19 6.03
N THR A 167 -4.93 1.75 6.41
CA THR A 167 -4.76 0.72 7.41
C THR A 167 -5.23 1.20 8.77
N GLN A 168 -4.80 2.39 9.18
CA GLN A 168 -5.21 2.94 10.47
C GLN A 168 -6.74 3.04 10.53
N TYR A 169 -7.32 3.51 9.43
CA TYR A 169 -8.77 3.64 9.34
C TYR A 169 -9.41 2.30 9.62
N LEU A 170 -8.93 1.27 8.92
CA LEU A 170 -9.43 -0.08 9.07
C LEU A 170 -9.25 -0.62 10.48
N GLN A 171 -8.12 -0.30 11.10
CA GLN A 171 -7.84 -0.75 12.46
C GLN A 171 -8.92 -0.26 13.39
N GLN A 172 -9.21 1.04 13.31
CA GLN A 172 -10.23 1.64 14.14
C GLN A 172 -11.58 1.00 13.84
N HIS A 173 -11.87 0.80 12.55
CA HIS A 173 -13.13 0.20 12.15
C HIS A 173 -13.36 -1.18 12.75
N LEU A 174 -12.31 -2.00 12.74
CA LEU A 174 -12.38 -3.36 13.26
C LEU A 174 -12.04 -3.44 14.74
N ALA A 175 -11.64 -2.31 15.31
CA ALA A 175 -11.27 -2.26 16.73
C ALA A 175 -10.08 -3.21 16.96
N MET A 176 -9.05 -3.05 16.15
CA MET A 176 -7.85 -3.87 16.24
C MET A 176 -6.68 -3.02 16.74
N GLU A 177 -5.80 -3.62 17.54
CA GLU A 177 -4.65 -2.91 18.08
C GLU A 177 -3.45 -2.97 17.15
N PRO A 178 -2.63 -1.92 17.14
CA PRO A 178 -1.44 -1.89 16.29
C PRO A 178 -0.60 -3.14 16.58
N SER A 179 -0.58 -3.52 17.85
CA SER A 179 0.17 -4.68 18.30
C SER A 179 -0.34 -5.97 17.65
N GLN A 180 -1.60 -5.95 17.23
CA GLN A 180 -2.25 -7.10 16.59
C GLN A 180 -2.25 -6.99 15.08
N THR A 181 -1.56 -5.98 14.57
CA THR A 181 -1.50 -5.75 13.14
C THR A 181 -0.13 -6.04 12.56
N LEU A 182 -0.13 -6.55 11.33
CA LEU A 182 1.11 -6.83 10.61
C LEU A 182 0.98 -6.31 9.19
N VAL A 183 1.90 -5.43 8.80
CA VAL A 183 1.89 -4.89 7.45
C VAL A 183 3.06 -5.47 6.67
N CYS A 184 2.83 -5.77 5.41
CA CYS A 184 3.84 -6.37 4.55
C CYS A 184 4.04 -5.53 3.29
N GLY A 185 5.28 -5.30 2.89
CA GLY A 185 5.51 -4.49 1.70
C GLY A 185 6.90 -4.61 1.10
N ASP A 186 7.12 -3.92 -0.03
CA ASP A 186 8.42 -3.96 -0.71
C ASP A 186 8.81 -2.64 -1.39
N SER A 187 7.85 -1.78 -1.67
CA SER A 187 8.16 -0.53 -2.36
C SER A 187 7.82 0.76 -1.64
N GLY A 188 7.92 1.87 -2.37
CA GLY A 188 7.63 3.18 -1.82
C GLY A 188 6.17 3.44 -1.49
N ASN A 189 5.25 2.73 -2.14
CA ASN A 189 3.85 2.92 -1.83
C ASN A 189 3.49 2.10 -0.60
N ASP A 190 4.50 1.49 0.01
CA ASP A 190 4.34 0.68 1.21
C ASP A 190 4.87 1.43 2.43
N ILE A 191 5.65 2.47 2.17
CA ILE A 191 6.22 3.27 3.24
C ILE A 191 5.15 3.73 4.22
N GLY A 192 3.99 4.12 3.70
CA GLY A 192 2.92 4.57 4.56
C GLY A 192 2.47 3.51 5.55
N LEU A 193 2.71 2.24 5.21
CA LEU A 193 2.32 1.16 6.09
C LEU A 193 3.25 1.12 7.29
N PHE A 194 4.54 1.23 7.01
CA PHE A 194 5.55 1.18 8.06
C PHE A 194 5.57 2.44 8.91
N GLU A 195 4.95 3.52 8.41
CA GLU A 195 4.87 4.76 9.16
C GLU A 195 3.84 4.52 10.24
N THR A 196 3.05 3.47 10.05
CA THR A 196 2.02 3.05 10.98
C THR A 196 2.69 2.46 12.22
N SER A 197 1.94 2.33 13.32
CA SER A 197 2.46 1.78 14.56
C SER A 197 2.27 0.25 14.63
N ALA A 198 1.88 -0.35 13.52
CA ALA A 198 1.66 -1.78 13.46
C ALA A 198 2.98 -2.49 13.28
N ARG A 199 2.97 -3.81 13.41
CA ARG A 199 4.17 -4.60 13.20
C ARG A 199 4.35 -4.63 11.70
N GLY A 200 5.59 -4.72 11.25
CA GLY A 200 5.80 -4.74 9.81
C GLY A 200 6.87 -5.70 9.36
N VAL A 201 6.74 -6.15 8.12
CA VAL A 201 7.72 -7.05 7.54
C VAL A 201 8.09 -6.53 6.17
N ILE A 202 9.39 -6.34 5.96
CA ILE A 202 9.92 -5.87 4.70
C ILE A 202 10.50 -7.10 4.01
N VAL A 203 9.89 -7.49 2.88
CA VAL A 203 10.35 -8.65 2.14
C VAL A 203 11.82 -8.52 1.72
N ARG A 204 12.52 -9.64 1.62
CA ARG A 204 13.93 -9.63 1.23
C ARG A 204 14.14 -8.89 -0.07
N ASN A 205 13.34 -9.24 -1.07
CA ASN A 205 13.43 -8.64 -2.40
C ASN A 205 12.89 -7.21 -2.47
N ALA A 206 12.84 -6.51 -1.33
CA ALA A 206 12.31 -5.15 -1.30
C ALA A 206 13.05 -4.18 -2.22
N GLN A 207 12.32 -3.18 -2.69
CA GLN A 207 12.86 -2.14 -3.57
C GLN A 207 13.78 -1.20 -2.80
N PRO A 208 14.68 -0.51 -3.52
CA PRO A 208 15.63 0.43 -2.93
C PRO A 208 15.06 1.55 -2.07
N GLU A 209 13.92 2.12 -2.47
CA GLU A 209 13.36 3.22 -1.67
C GLU A 209 12.89 2.73 -0.32
N LEU A 210 12.31 1.53 -0.27
CA LEU A 210 11.85 1.01 1.00
C LEU A 210 13.05 0.71 1.89
N LEU A 211 14.05 0.04 1.34
CA LEU A 211 15.23 -0.27 2.13
C LEU A 211 15.89 1.04 2.57
N HIS A 212 15.89 2.03 1.69
CA HIS A 212 16.49 3.32 2.05
C HIS A 212 15.70 3.94 3.20
N TRP A 213 14.38 3.83 3.14
CA TRP A 213 13.53 4.38 4.17
C TRP A 213 13.83 3.67 5.48
N TYR A 214 13.86 2.35 5.42
CA TYR A 214 14.13 1.52 6.59
C TYR A 214 15.37 1.98 7.34
N ASP A 215 16.47 2.18 6.61
CA ASP A 215 17.72 2.61 7.21
C ASP A 215 17.59 3.88 8.04
N GLN A 216 16.76 4.80 7.58
CA GLN A 216 16.57 6.07 8.27
C GLN A 216 15.46 6.04 9.33
N TRP A 217 14.35 5.37 9.04
CA TRP A 217 13.25 5.36 9.99
C TRP A 217 12.89 4.03 10.62
N GLY A 218 13.44 2.93 10.10
CA GLY A 218 13.14 1.63 10.64
C GLY A 218 13.26 1.53 12.15
N ASP A 219 12.23 1.00 12.81
CA ASP A 219 12.25 0.87 14.26
C ASP A 219 12.26 -0.60 14.70
N SER A 220 11.86 -0.84 15.94
CA SER A 220 11.84 -2.20 16.47
C SER A 220 10.61 -3.02 16.08
N ARG A 221 9.60 -2.36 15.53
CA ARG A 221 8.40 -3.07 15.12
C ARG A 221 8.54 -3.49 13.66
N HIS A 222 9.68 -3.12 13.08
CA HIS A 222 10.01 -3.41 11.68
C HIS A 222 10.97 -4.56 11.51
N TYR A 223 10.50 -5.63 10.89
CA TYR A 223 11.30 -6.82 10.69
C TYR A 223 11.74 -6.97 9.25
N ARG A 224 13.05 -7.11 9.06
CA ARG A 224 13.58 -7.32 7.72
C ARG A 224 13.62 -8.81 7.50
N ALA A 225 12.65 -9.31 6.75
CA ALA A 225 12.58 -10.74 6.47
C ALA A 225 13.82 -11.24 5.73
N GLN A 226 14.15 -12.50 5.98
CA GLN A 226 15.30 -13.14 5.35
C GLN A 226 14.76 -13.75 4.06
N SER A 227 13.44 -13.93 4.01
CA SER A 227 12.76 -14.49 2.85
C SER A 227 12.14 -13.42 1.99
N SER A 228 11.81 -13.77 0.75
CA SER A 228 11.19 -12.84 -0.18
C SER A 228 9.75 -13.26 -0.48
N HIS A 229 8.95 -12.33 -1.00
CA HIS A 229 7.55 -12.59 -1.34
C HIS A 229 6.80 -13.23 -0.17
N ALA A 230 5.73 -13.96 -0.47
CA ALA A 230 4.92 -14.59 0.57
C ALA A 230 5.71 -15.18 1.74
N GLY A 231 6.86 -15.80 1.44
CA GLY A 231 7.68 -16.39 2.49
C GLY A 231 7.96 -15.42 3.62
N ALA A 232 8.19 -14.16 3.27
CA ALA A 232 8.47 -13.12 4.25
C ALA A 232 7.29 -13.03 5.24
N ILE A 233 6.08 -13.13 4.72
CA ILE A 233 4.88 -13.05 5.54
C ILE A 233 4.75 -14.19 6.55
N LEU A 234 5.08 -15.42 6.14
CA LEU A 234 5.02 -16.55 7.05
C LEU A 234 6.09 -16.35 8.11
N GLU A 235 7.27 -15.95 7.66
CA GLU A 235 8.40 -15.69 8.52
C GLU A 235 8.08 -14.62 9.58
N ALA A 236 7.48 -13.51 9.14
CA ALA A 236 7.13 -12.44 10.05
C ALA A 236 6.09 -12.90 11.09
N ILE A 237 5.18 -13.77 10.68
CA ILE A 237 4.15 -14.27 11.58
C ILE A 237 4.79 -15.10 12.70
N ALA A 238 5.80 -15.88 12.34
CA ALA A 238 6.50 -16.70 13.32
C ALA A 238 7.35 -15.81 14.22
N HIS A 239 7.87 -14.73 13.64
CA HIS A 239 8.71 -13.77 14.35
C HIS A 239 7.97 -12.99 15.43
N PHE A 240 6.85 -12.37 15.05
CA PHE A 240 6.05 -11.62 16.00
C PHE A 240 5.12 -12.55 16.76
N ASP A 241 5.38 -13.85 16.61
CA ASP A 241 4.57 -14.89 17.24
C ASP A 241 3.07 -14.59 17.12
N PHE A 242 2.62 -14.33 15.90
CA PHE A 242 1.21 -14.06 15.66
C PHE A 242 0.52 -15.40 15.49
N LEU A 243 -0.80 -15.43 15.69
CA LEU A 243 -1.56 -16.66 15.58
C LEU A 243 -0.85 -17.70 16.45
N SER A 244 -0.34 -17.20 17.57
CA SER A 244 0.41 -17.96 18.57
C SER A 244 0.41 -19.47 18.37
C1 GLC B . 0.30 0.23 -9.64
C2 GLC B . -0.70 1.29 -10.23
C3 GLC B . 0.07 2.60 -10.60
C4 GLC B . 0.69 3.15 -9.32
C5 GLC B . 1.67 2.09 -8.70
C6 GLC B . 2.32 2.57 -7.39
O2 GLC B . -1.33 0.72 -11.40
O3 GLC B . -0.84 3.58 -11.14
O4 GLC B . 1.37 4.29 -9.59
O5 GLC B . 0.95 0.85 -8.42
O6 GLC B . 1.33 2.67 -6.35
O1 F6P B . -0.23 -1.72 -12.53
C1 F6P B . 0.76 -2.44 -11.80
C2 F6P B . 1.50 -1.55 -10.80
O2 F6P B . 1.06 -0.14 -10.76
C3 F6P B . 3.01 -1.51 -11.01
O3 F6P B . 3.45 -0.31 -11.65
C4 F6P B . 3.64 -1.55 -9.68
O4 F6P B . 4.94 -2.11 -9.63
C5 F6P B . 2.71 -2.52 -9.12
O5 F6P B . 1.42 -2.21 -9.63
C6 F6P B . 2.67 -2.52 -7.61
O6 F6P B . 1.48 -3.15 -7.17
P F6P B . 1.42 -3.18 -5.40
O1P F6P B . 0.94 -1.80 -5.08
O2P F6P B . 0.38 -4.19 -5.08
O3P F6P B . 2.64 -3.47 -4.62
#